data_5JDL
#
_entry.id   5JDL
#
_cell.length_a   49.764
_cell.length_b   72.622
_cell.length_c   95.616
_cell.angle_alpha   90.000
_cell.angle_beta   90.000
_cell.angle_gamma   90.000
#
_symmetry.space_group_name_H-M   'P 21 21 21'
#
loop_
_entity.id
_entity.type
_entity.pdbx_description
1 polymer 'Uncharacterized membrane protein MJ0091'
2 non-polymer 'STRONTIUM ION'
3 non-polymer 'CHLORIDE ION'
4 non-polymer '(2R)-2,3-dihydroxypropyl (9Z)-octadec-9-enoate'
5 non-polymer PENTADECANE
6 non-polymer 'PENTAETHYLENE GLYCOL'
7 water water
#
_entity_poly.entity_id   1
_entity_poly.type   'polypeptide(L)'
_entity_poly.pdbx_seq_one_letter_code
;MVILGVGYFLLGLILLYYGSDWFVLGSERIARHFNVSNFVIGATVMAIGTSLPEILTSAYASYMHAPGISIGNAIGSCIC
NIGLVLGLSAIISPIIVDKNLQKNILVYLLFVIFAAVIGIDGFSWIDGVVLLILFIIYLRWTVKNGSAEIEENNDKNNPS
VVFSLVLLIIGLIGVLVGAELFVDGAKKIALALDISDKVIGFTLVAFGTSLPELMVSLAAAKRNLGGMVLGNVIGSNIAD
IGGALAVGSLFMHLPAENVQMAVLVIMSLLLYLFAKYSKIGRWQGILFLALYIIAIASLRM
;
_entity_poly.pdbx_strand_id   A
#
loop_
_chem_comp.id
_chem_comp.type
_chem_comp.name
_chem_comp.formula
1PE non-polymer 'PENTAETHYLENE GLYCOL' 'C10 H22 O6'
CL non-polymer 'CHLORIDE ION' 'Cl -1'
MYS non-polymer PENTADECANE 'C15 H32'
OLC non-polymer '(2R)-2,3-dihydroxypropyl (9Z)-octadec-9-enoate' 'C21 H40 O4'
SR non-polymer 'STRONTIUM ION' 'Sr 2'
#
# COMPACT_ATOMS: atom_id res chain seq x y z
N MET A 1 8.85 26.75 9.27
CA MET A 1 9.25 28.13 9.00
C MET A 1 8.17 28.89 8.21
N VAL A 2 7.15 28.15 7.77
CA VAL A 2 6.12 28.57 6.80
C VAL A 2 6.75 29.20 5.56
N ILE A 3 6.41 28.64 4.40
CA ILE A 3 7.20 28.76 3.17
C ILE A 3 8.52 28.06 3.48
N LEU A 4 8.81 27.04 2.67
CA LEU A 4 9.64 25.88 3.04
C LEU A 4 8.76 24.97 3.91
N GLY A 5 7.61 25.49 4.29
CA GLY A 5 6.53 24.71 4.87
C GLY A 5 5.34 24.88 3.96
N VAL A 6 5.60 25.51 2.82
CA VAL A 6 4.60 25.74 1.77
C VAL A 6 5.20 25.44 0.41
N GLY A 7 6.26 26.18 0.07
CA GLY A 7 7.05 25.93 -1.12
C GLY A 7 7.67 24.54 -1.08
N TYR A 8 7.52 23.89 0.07
CA TYR A 8 7.63 22.45 0.20
C TYR A 8 6.33 21.80 -0.22
N PHE A 9 5.36 21.87 0.70
CA PHE A 9 4.03 21.29 0.54
C PHE A 9 3.56 21.16 -0.91
N LEU A 10 3.71 22.24 -1.67
CA LEU A 10 3.39 22.23 -3.10
C LEU A 10 4.44 21.47 -3.91
N LEU A 11 5.72 21.68 -3.58
CA LEU A 11 6.83 21.00 -4.23
C LEU A 11 6.70 19.48 -4.14
N GLY A 12 6.19 19.01 -3.01
CA GLY A 12 5.97 17.59 -2.82
C GLY A 12 4.81 17.07 -3.65
N LEU A 13 3.76 17.88 -3.78
CA LEU A 13 2.54 17.46 -4.47
C LEU A 13 2.76 17.30 -5.97
N ILE A 14 3.67 18.10 -6.49
CA ILE A 14 4.02 18.07 -7.90
C ILE A 14 4.87 16.83 -8.18
N LEU A 15 5.71 16.51 -7.20
CA LEU A 15 6.52 15.31 -7.26
C LEU A 15 5.64 14.09 -7.02
N LEU A 16 4.44 14.30 -6.48
CA LEU A 16 3.48 13.22 -6.31
C LEU A 16 2.63 13.05 -7.55
N TYR A 17 2.14 14.17 -8.08
CA TYR A 17 1.28 14.18 -9.25
C TYR A 17 1.97 13.54 -10.46
N TYR A 18 3.11 14.09 -10.84
CA TYR A 18 3.85 13.59 -12.00
C TYR A 18 4.68 12.36 -11.65
N GLY A 19 5.12 12.28 -10.39
CA GLY A 19 5.91 11.17 -9.94
C GLY A 19 5.15 9.86 -9.99
N SER A 20 3.89 9.88 -9.55
CA SER A 20 3.05 8.69 -9.57
C SER A 20 2.81 8.22 -10.99
N ASP A 21 2.62 9.17 -11.89
CA ASP A 21 2.33 8.86 -13.28
C ASP A 21 3.51 8.17 -13.95
N TRP A 22 4.72 8.64 -13.68
CA TRP A 22 5.91 8.05 -14.26
C TRP A 22 6.19 6.68 -13.66
N PHE A 23 5.90 6.54 -12.36
CA PHE A 23 6.07 5.27 -11.68
C PHE A 23 5.09 4.23 -12.21
N VAL A 24 3.93 4.69 -12.67
CA VAL A 24 2.94 3.82 -13.28
C VAL A 24 3.35 3.45 -14.70
N LEU A 25 3.75 4.45 -15.48
CA LEU A 25 4.18 4.23 -16.85
C LEU A 25 5.42 3.35 -16.93
N GLY A 26 6.33 3.52 -15.96
CA GLY A 26 7.54 2.72 -15.90
C GLY A 26 7.26 1.27 -15.58
N SER A 27 6.36 1.05 -14.64
CA SER A 27 5.99 -0.31 -14.21
C SER A 27 5.26 -1.05 -15.32
N GLU A 28 4.36 -0.34 -16.00
CA GLU A 28 3.53 -0.94 -17.04
C GLU A 28 4.36 -1.32 -18.26
N ARG A 29 5.46 -0.59 -18.49
CA ARG A 29 6.37 -0.92 -19.57
C ARG A 29 7.30 -2.06 -19.17
N ILE A 30 7.63 -2.13 -17.89
CA ILE A 30 8.44 -3.23 -17.36
C ILE A 30 7.63 -4.53 -17.37
N ALA A 31 6.36 -4.43 -16.98
CA ALA A 31 5.48 -5.58 -16.95
C ALA A 31 5.33 -6.21 -18.34
N ARG A 32 5.39 -5.39 -19.37
CA ARG A 32 5.31 -5.89 -20.73
C ARG A 32 6.64 -6.45 -21.22
N HIS A 33 7.74 -6.09 -20.54
CA HIS A 33 9.05 -6.60 -20.91
C HIS A 33 9.30 -8.00 -20.33
N PHE A 34 8.79 -8.26 -19.13
CA PHE A 34 8.99 -9.57 -18.47
C PHE A 34 7.86 -10.61 -18.77
N ASN A 35 7.16 -10.41 -19.88
CA ASN A 35 5.72 -10.63 -20.07
C ASN A 35 5.00 -11.09 -18.82
N VAL A 36 4.52 -10.08 -18.11
CA VAL A 36 3.87 -10.26 -16.82
C VAL A 36 2.67 -9.31 -16.70
N SER A 37 1.56 -9.84 -16.20
CA SER A 37 0.33 -9.06 -16.05
C SER A 37 0.54 -7.83 -15.18
N ASN A 38 -0.23 -6.77 -15.45
CA ASN A 38 -0.16 -5.53 -14.69
C ASN A 38 -0.43 -5.75 -13.21
N PHE A 39 -1.26 -6.74 -12.91
CA PHE A 39 -1.59 -7.12 -11.54
C PHE A 39 -0.34 -7.51 -10.77
N VAL A 40 0.50 -8.35 -11.38
CA VAL A 40 1.68 -8.89 -10.73
C VAL A 40 2.76 -7.82 -10.52
N ILE A 41 2.97 -6.98 -11.53
CA ILE A 41 3.98 -5.93 -11.42
C ILE A 41 3.56 -4.92 -10.35
N GLY A 42 2.26 -4.84 -10.10
CA GLY A 42 1.73 -3.96 -9.07
C GLY A 42 1.80 -4.61 -7.71
N ALA A 43 1.69 -5.94 -7.69
CA ALA A 43 1.69 -6.70 -6.44
C ALA A 43 3.10 -6.89 -5.90
N THR A 44 4.09 -6.70 -6.75
CA THR A 44 5.49 -6.91 -6.34
C THR A 44 6.28 -5.61 -6.31
N VAL A 45 6.83 -5.22 -7.45
CA VAL A 45 7.68 -4.04 -7.56
C VAL A 45 7.04 -2.78 -7.02
N MET A 46 5.81 -2.50 -7.48
CA MET A 46 5.11 -1.30 -7.06
C MET A 46 4.70 -1.37 -5.59
N ALA A 47 4.11 -2.50 -5.21
CA ALA A 47 3.60 -2.69 -3.86
C ALA A 47 4.67 -2.50 -2.80
N ILE A 48 5.87 -2.98 -3.10
CA ILE A 48 6.98 -2.90 -2.15
C ILE A 48 7.62 -1.53 -2.17
N GLY A 49 7.73 -0.94 -3.35
CA GLY A 49 8.27 0.40 -3.47
C GLY A 49 7.39 1.41 -2.77
N THR A 50 6.08 1.15 -2.78
CA THR A 50 5.13 2.03 -2.14
C THR A 50 5.04 1.79 -0.64
N SER A 51 5.37 0.58 -0.20
CA SER A 51 5.24 0.22 1.20
C SER A 51 6.55 0.36 1.98
N LEU A 52 7.58 0.88 1.32
CA LEU A 52 8.83 1.24 1.99
C LEU A 52 8.63 2.24 3.15
N PRO A 53 7.75 3.24 2.98
CA PRO A 53 7.47 4.12 4.13
C PRO A 53 6.96 3.39 5.38
N GLU A 54 5.98 2.50 5.26
CA GLU A 54 5.47 1.77 6.43
C GLU A 54 6.50 0.85 7.05
N ILE A 55 7.33 0.24 6.22
CA ILE A 55 8.34 -0.67 6.70
C ILE A 55 9.31 0.07 7.60
N LEU A 56 9.88 1.16 7.08
CA LEU A 56 10.86 1.93 7.84
C LEU A 56 10.22 2.59 9.06
N THR A 57 8.99 3.08 8.91
CA THR A 57 8.28 3.70 10.02
C THR A 57 7.99 2.68 11.12
N SER A 58 7.40 1.54 10.73
CA SER A 58 7.09 0.48 11.68
C SER A 58 8.36 -0.05 12.35
N ALA A 59 9.44 -0.15 11.58
CA ALA A 59 10.71 -0.58 12.13
C ALA A 59 11.23 0.43 13.13
N TYR A 60 11.26 1.69 12.72
CA TYR A 60 11.78 2.77 13.55
C TYR A 60 10.94 2.96 14.82
N ALA A 61 9.63 2.83 14.69
CA ALA A 61 8.72 3.02 15.81
C ALA A 61 8.86 1.88 16.82
N SER A 62 8.83 0.65 16.33
CA SER A 62 8.93 -0.53 17.18
C SER A 62 10.27 -0.58 17.91
N TYR A 63 11.32 -0.11 17.23
CA TYR A 63 12.65 -0.06 17.82
C TYR A 63 12.73 1.00 18.91
N MET A 64 12.00 2.09 18.72
CA MET A 64 11.99 3.20 19.68
C MET A 64 11.03 2.94 20.83
N HIS A 65 10.75 1.66 21.09
CA HIS A 65 9.89 1.24 22.19
C HIS A 65 8.48 1.82 22.09
N ALA A 66 8.00 1.97 20.86
CA ALA A 66 6.63 2.41 20.62
C ALA A 66 5.94 1.46 19.65
N PRO A 67 5.66 0.22 20.09
CA PRO A 67 5.12 -0.82 19.20
C PRO A 67 3.68 -0.56 18.78
N GLY A 68 2.95 0.24 19.56
CA GLY A 68 1.57 0.57 19.24
C GLY A 68 1.45 1.27 17.91
N ILE A 69 2.31 2.27 17.70
CA ILE A 69 2.37 3.00 16.44
C ILE A 69 2.71 2.05 15.29
N SER A 70 3.71 1.20 15.52
CA SER A 70 4.20 0.27 14.50
C SER A 70 3.08 -0.61 13.93
N ILE A 71 2.33 -1.27 14.82
CA ILE A 71 1.24 -2.12 14.36
C ILE A 71 0.04 -1.29 13.92
N GLY A 72 -0.18 -0.16 14.58
CA GLY A 72 -1.27 0.73 14.22
C GLY A 72 -1.09 1.28 12.82
N ASN A 73 0.16 1.64 12.50
CA ASN A 73 0.50 2.15 11.18
C ASN A 73 0.37 1.07 10.10
N ALA A 74 0.73 -0.16 10.45
CA ALA A 74 0.68 -1.26 9.50
C ALA A 74 -0.75 -1.66 9.15
N ILE A 75 -1.61 -1.75 10.16
CA ILE A 75 -2.99 -2.14 9.94
C ILE A 75 -3.82 -0.95 9.43
N GLY A 76 -3.47 0.25 9.89
CA GLY A 76 -4.14 1.45 9.44
C GLY A 76 -3.95 1.67 7.95
N SER A 77 -2.79 1.26 7.44
CA SER A 77 -2.50 1.37 6.02
C SER A 77 -3.37 0.43 5.20
N CYS A 78 -3.52 -0.79 5.69
CA CYS A 78 -4.30 -1.81 4.99
C CYS A 78 -5.75 -1.40 4.83
N ILE A 79 -6.35 -0.90 5.92
CA ILE A 79 -7.72 -0.42 5.90
C ILE A 79 -7.88 0.74 4.91
N CYS A 80 -6.88 1.62 4.88
CA CYS A 80 -6.89 2.77 3.99
C CYS A 80 -6.78 2.35 2.53
N ASN A 81 -6.05 1.27 2.27
CA ASN A 81 -5.84 0.79 0.90
C ASN A 81 -7.09 0.19 0.27
N ILE A 82 -7.88 -0.52 1.07
CA ILE A 82 -9.12 -1.11 0.59
C ILE A 82 -10.23 -0.06 0.52
N GLY A 83 -10.35 0.73 1.59
CA GLY A 83 -11.40 1.71 1.69
C GLY A 83 -11.22 2.93 0.79
N LEU A 84 -10.15 3.67 1.03
CA LEU A 84 -9.92 4.91 0.29
C LEU A 84 -9.31 4.64 -1.10
N VAL A 85 -8.12 4.05 -1.10
CA VAL A 85 -7.35 3.88 -2.33
C VAL A 85 -8.09 3.06 -3.40
N LEU A 86 -8.52 1.85 -3.04
CA LEU A 86 -9.24 1.01 -3.97
C LEU A 86 -10.66 1.55 -4.21
N GLY A 87 -11.23 2.17 -3.19
CA GLY A 87 -12.55 2.76 -3.29
C GLY A 87 -12.63 3.85 -4.35
N LEU A 88 -11.70 4.78 -4.30
CA LEU A 88 -11.63 5.87 -5.28
C LEU A 88 -11.37 5.33 -6.68
N SER A 89 -10.49 4.33 -6.78
CA SER A 89 -10.07 3.80 -8.06
C SER A 89 -11.19 3.01 -8.76
N ALA A 90 -11.93 2.25 -7.99
CA ALA A 90 -13.02 1.42 -8.52
C ALA A 90 -14.06 2.27 -9.24
N ILE A 91 -14.40 3.41 -8.63
CA ILE A 91 -15.34 4.34 -9.23
C ILE A 91 -14.80 4.90 -10.55
N ILE A 92 -13.53 5.27 -10.53
CA ILE A 92 -12.86 5.83 -11.72
C ILE A 92 -12.77 4.80 -12.85
N SER A 93 -12.14 3.67 -12.55
CA SER A 93 -11.99 2.61 -13.55
C SER A 93 -12.41 1.26 -12.99
N PRO A 94 -13.70 0.92 -13.15
CA PRO A 94 -14.25 -0.36 -12.68
C PRO A 94 -13.47 -1.55 -13.22
N ILE A 95 -13.23 -2.54 -12.35
CA ILE A 95 -12.53 -3.74 -12.76
C ILE A 95 -13.38 -4.97 -12.57
N ILE A 96 -13.37 -5.85 -13.57
CA ILE A 96 -13.94 -7.17 -13.40
C ILE A 96 -12.77 -8.15 -13.37
N VAL A 97 -12.87 -9.17 -12.53
CA VAL A 97 -11.72 -10.00 -12.22
C VAL A 97 -11.77 -11.36 -12.91
N ASP A 98 -10.75 -11.66 -13.69
CA ASP A 98 -10.62 -12.98 -14.30
C ASP A 98 -10.30 -14.00 -13.21
N LYS A 99 -10.55 -15.27 -13.50
CA LYS A 99 -10.44 -16.32 -12.48
C LYS A 99 -9.00 -16.64 -12.12
N ASN A 100 -8.05 -15.99 -12.79
CA ASN A 100 -6.64 -16.13 -12.46
C ASN A 100 -6.29 -15.31 -11.23
N LEU A 101 -6.94 -14.16 -11.09
CA LEU A 101 -6.66 -13.22 -10.01
C LEU A 101 -7.56 -13.46 -8.80
N GLN A 102 -8.73 -14.06 -9.03
CA GLN A 102 -9.67 -14.36 -7.96
C GLN A 102 -9.05 -15.24 -6.89
N LYS A 103 -8.17 -16.12 -7.33
CA LYS A 103 -7.51 -17.07 -6.44
C LYS A 103 -6.34 -16.42 -5.72
N ASN A 104 -5.70 -15.46 -6.38
CA ASN A 104 -4.65 -14.66 -5.75
C ASN A 104 -5.24 -13.82 -4.63
N ILE A 105 -6.44 -13.30 -4.85
CA ILE A 105 -7.14 -12.51 -3.84
C ILE A 105 -7.63 -13.41 -2.71
N LEU A 106 -8.04 -14.63 -3.07
CA LEU A 106 -8.47 -15.60 -2.07
C LEU A 106 -7.31 -15.99 -1.16
N VAL A 107 -6.10 -16.04 -1.73
CA VAL A 107 -4.90 -16.29 -0.95
C VAL A 107 -4.67 -15.14 0.03
N TYR A 108 -4.87 -13.92 -0.44
CA TYR A 108 -4.74 -12.72 0.39
C TYR A 108 -5.66 -12.78 1.60
N LEU A 109 -6.89 -13.25 1.38
CA LEU A 109 -7.87 -13.33 2.45
C LEU A 109 -7.44 -14.32 3.54
N LEU A 110 -6.94 -15.48 3.12
CA LEU A 110 -6.45 -16.49 4.06
C LEU A 110 -5.26 -15.96 4.83
N PHE A 111 -4.38 -15.24 4.13
CA PHE A 111 -3.21 -14.62 4.74
C PHE A 111 -3.61 -13.64 5.84
N VAL A 112 -4.57 -12.77 5.55
CA VAL A 112 -5.05 -11.79 6.52
C VAL A 112 -5.73 -12.46 7.70
N ILE A 113 -6.62 -13.40 7.41
CA ILE A 113 -7.32 -14.16 8.45
C ILE A 113 -6.31 -14.88 9.35
N PHE A 114 -5.21 -15.33 8.76
CA PHE A 114 -4.15 -15.99 9.51
C PHE A 114 -3.45 -15.03 10.46
N ALA A 115 -3.11 -13.84 9.97
CA ALA A 115 -2.45 -12.83 10.77
C ALA A 115 -3.34 -12.35 11.92
N ALA A 116 -4.64 -12.26 11.64
CA ALA A 116 -5.61 -11.85 12.65
C ALA A 116 -5.71 -12.86 13.78
N VAL A 117 -5.78 -14.15 13.40
CA VAL A 117 -5.91 -15.23 14.37
C VAL A 117 -4.71 -15.31 15.29
N ILE A 118 -3.51 -15.32 14.70
CA ILE A 118 -2.29 -15.41 15.50
C ILE A 118 -1.92 -14.05 16.09
N GLY A 119 -2.72 -13.04 15.79
CA GLY A 119 -2.46 -11.70 16.28
C GLY A 119 -3.27 -11.33 17.52
N ILE A 120 -4.23 -12.19 17.88
CA ILE A 120 -5.06 -11.95 19.04
C ILE A 120 -4.22 -11.86 20.32
N ASP A 121 -3.21 -12.72 20.41
CA ASP A 121 -2.24 -12.64 21.48
C ASP A 121 -1.41 -11.36 21.35
N GLY A 122 -1.23 -10.92 20.10
CA GLY A 122 -0.30 -9.87 19.78
C GLY A 122 0.63 -10.42 18.72
N PHE A 123 1.80 -9.82 18.55
CA PHE A 123 2.74 -10.29 17.55
C PHE A 123 4.16 -10.45 18.10
N SER A 124 4.49 -11.67 18.50
CA SER A 124 5.85 -11.98 18.91
C SER A 124 6.75 -11.94 17.69
N TRP A 125 8.07 -11.95 17.91
CA TRP A 125 9.01 -11.93 16.79
C TRP A 125 8.84 -13.18 15.94
N ILE A 126 8.50 -14.30 16.58
CA ILE A 126 8.20 -15.53 15.87
C ILE A 126 6.98 -15.34 14.97
N ASP A 127 5.94 -14.72 15.52
CA ASP A 127 4.74 -14.39 14.75
C ASP A 127 5.10 -13.59 13.51
N GLY A 128 6.11 -12.74 13.63
CA GLY A 128 6.57 -11.93 12.52
C GLY A 128 7.43 -12.70 11.54
N VAL A 129 8.27 -13.60 12.06
CA VAL A 129 9.14 -14.42 11.21
C VAL A 129 8.30 -15.25 10.25
N VAL A 130 7.25 -15.87 10.76
CA VAL A 130 6.34 -16.68 9.95
C VAL A 130 5.69 -15.82 8.86
N LEU A 131 5.19 -14.66 9.25
CA LEU A 131 4.55 -13.75 8.32
C LEU A 131 5.50 -13.28 7.24
N LEU A 132 6.76 -13.05 7.62
CA LEU A 132 7.78 -12.59 6.68
C LEU A 132 8.08 -13.66 5.63
N ILE A 133 8.01 -14.92 6.04
CA ILE A 133 8.28 -16.04 5.14
C ILE A 133 7.08 -16.30 4.22
N LEU A 134 5.88 -16.24 4.77
CA LEU A 134 4.65 -16.36 3.98
C LEU A 134 4.58 -15.24 2.96
N PHE A 135 5.08 -14.06 3.35
CA PHE A 135 5.13 -12.90 2.47
C PHE A 135 6.11 -13.13 1.32
N ILE A 136 7.25 -13.74 1.64
CA ILE A 136 8.28 -14.01 0.64
C ILE A 136 7.80 -14.98 -0.45
N ILE A 137 7.17 -16.07 -0.05
CA ILE A 137 6.74 -17.08 -1.01
C ILE A 137 5.48 -16.66 -1.75
N TYR A 138 4.73 -15.72 -1.19
CA TYR A 138 3.59 -15.15 -1.89
C TYR A 138 4.06 -14.45 -3.15
N LEU A 139 5.11 -13.66 -3.01
CA LEU A 139 5.69 -12.93 -4.12
C LEU A 139 6.09 -13.89 -5.24
N ARG A 140 6.88 -14.90 -4.90
CA ARG A 140 7.35 -15.87 -5.88
C ARG A 140 6.20 -16.64 -6.52
N TRP A 141 5.19 -16.97 -5.73
CA TRP A 141 4.00 -17.64 -6.24
C TRP A 141 3.25 -16.72 -7.20
N THR A 142 3.21 -15.45 -6.86
CA THR A 142 2.53 -14.44 -7.68
C THR A 142 3.28 -14.21 -8.98
N VAL A 143 4.60 -14.13 -8.91
CA VAL A 143 5.42 -13.98 -10.11
C VAL A 143 5.28 -15.20 -11.01
N LYS A 144 5.29 -16.37 -10.41
CA LYS A 144 5.24 -17.63 -11.16
C LYS A 144 4.00 -17.75 -12.04
N ASN A 145 2.82 -17.66 -11.44
CA ASN A 145 1.57 -17.83 -12.17
C ASN A 145 1.29 -16.66 -13.09
N GLY A 146 1.83 -15.50 -12.74
CA GLY A 146 1.61 -14.29 -13.51
C GLY A 146 2.59 -14.14 -14.66
N SER A 147 3.66 -14.92 -14.63
CA SER A 147 4.68 -14.83 -15.67
C SER A 147 4.50 -15.88 -16.74
N ALA A 148 5.26 -15.72 -17.81
CA ALA A 148 5.47 -16.78 -18.79
C ALA A 148 6.98 -16.91 -19.01
N GLU A 149 7.44 -18.10 -19.34
CA GLU A 149 8.88 -18.35 -19.53
C GLU A 149 9.27 -18.15 -21.01
N ILE A 150 10.12 -17.16 -21.24
CA ILE A 150 10.44 -16.68 -22.60
C ILE A 150 11.82 -16.01 -22.64
N GLU A 151 12.69 -16.46 -23.56
CA GLU A 151 14.02 -15.84 -23.71
C GLU A 151 14.68 -16.01 -22.32
N GLU A 152 14.70 -15.09 -21.32
CA GLU A 152 14.70 -13.63 -21.38
C GLU A 152 16.14 -13.16 -21.73
N ASN A 153 16.52 -11.97 -21.27
CA ASN A 153 17.43 -11.12 -22.03
C ASN A 153 17.92 -9.81 -21.37
N LYS A 156 21.82 -6.50 -22.65
CA LYS A 156 20.70 -6.23 -23.55
C LYS A 156 20.83 -4.85 -24.19
N ASN A 157 21.34 -3.89 -23.43
CA ASN A 157 21.40 -2.48 -23.81
C ASN A 157 20.09 -1.88 -24.30
N ASN A 158 19.04 -2.69 -24.33
CA ASN A 158 17.79 -2.33 -25.02
C ASN A 158 17.24 -1.00 -24.54
N PRO A 159 17.44 0.06 -25.36
CA PRO A 159 17.11 1.42 -24.96
C PRO A 159 15.61 1.67 -24.89
N SER A 160 14.85 0.59 -24.91
CA SER A 160 13.41 0.67 -24.68
C SER A 160 13.11 0.07 -23.30
N VAL A 161 14.09 -0.65 -22.75
CA VAL A 161 13.98 -1.18 -21.40
C VAL A 161 14.65 -0.23 -20.41
N VAL A 162 15.77 0.37 -20.82
CA VAL A 162 16.47 1.31 -19.95
C VAL A 162 15.59 2.51 -19.67
N PHE A 163 14.71 2.84 -20.60
CA PHE A 163 13.78 3.95 -20.40
C PHE A 163 12.70 3.52 -19.42
N SER A 164 12.28 2.26 -19.53
CA SER A 164 11.28 1.71 -18.62
C SER A 164 11.81 1.67 -17.19
N LEU A 165 13.02 1.14 -17.03
CA LEU A 165 13.67 1.02 -15.73
C LEU A 165 13.89 2.39 -15.08
N VAL A 166 14.42 3.33 -15.87
CA VAL A 166 14.72 4.67 -15.37
C VAL A 166 13.43 5.42 -15.02
N LEU A 167 12.44 5.35 -15.91
CA LEU A 167 11.16 6.00 -15.67
C LEU A 167 10.50 5.49 -14.40
N LEU A 168 10.69 4.21 -14.12
CA LEU A 168 10.13 3.57 -12.93
C LEU A 168 10.75 4.11 -11.64
N ILE A 169 12.07 4.09 -11.56
CA ILE A 169 12.76 4.48 -10.33
C ILE A 169 12.70 5.99 -10.11
N ILE A 170 12.59 6.76 -11.19
CA ILE A 170 12.41 8.20 -11.07
C ILE A 170 11.05 8.47 -10.46
N GLY A 171 10.04 7.78 -10.98
CA GLY A 171 8.69 7.89 -10.46
C GLY A 171 8.60 7.44 -9.01
N LEU A 172 9.41 6.44 -8.65
CA LEU A 172 9.43 5.93 -7.28
C LEU A 172 10.08 6.94 -6.33
N ILE A 173 11.26 7.41 -6.70
CA ILE A 173 11.95 8.44 -5.92
C ILE A 173 11.05 9.68 -5.83
N GLY A 174 10.33 9.95 -6.91
CA GLY A 174 9.41 11.08 -6.95
C GLY A 174 8.30 11.00 -5.92
N VAL A 175 7.64 9.85 -5.82
CA VAL A 175 6.51 9.71 -4.91
C VAL A 175 6.95 9.55 -3.46
N LEU A 176 8.11 8.95 -3.24
CA LEU A 176 8.61 8.74 -1.89
C LEU A 176 9.13 10.05 -1.30
N VAL A 177 9.86 10.82 -2.10
CA VAL A 177 10.32 12.13 -1.69
C VAL A 177 9.14 13.10 -1.64
N GLY A 178 8.31 13.05 -2.68
CA GLY A 178 7.14 13.90 -2.77
C GLY A 178 6.19 13.73 -1.60
N ALA A 179 6.08 12.50 -1.09
CA ALA A 179 5.28 12.24 0.09
C ALA A 179 5.99 12.76 1.34
N GLU A 180 7.30 12.55 1.38
CA GLU A 180 8.11 13.00 2.51
C GLU A 180 8.10 14.53 2.61
N LEU A 181 8.24 15.20 1.48
CA LEU A 181 8.18 16.66 1.43
C LEU A 181 6.81 17.17 1.88
N PHE A 182 5.77 16.48 1.43
CA PHE A 182 4.40 16.80 1.81
C PHE A 182 4.23 16.77 3.32
N VAL A 183 4.75 15.72 3.95
CA VAL A 183 4.58 15.52 5.39
C VAL A 183 5.46 16.46 6.22
N ASP A 184 6.73 16.60 5.82
CA ASP A 184 7.67 17.50 6.48
C ASP A 184 7.17 18.92 6.27
N GLY A 185 6.73 19.20 5.05
CA GLY A 185 6.16 20.50 4.75
C GLY A 185 4.85 20.73 5.45
N ALA A 186 4.28 19.68 6.06
CA ALA A 186 2.95 19.75 6.68
C ALA A 186 2.95 20.04 8.19
N LYS A 187 4.06 19.75 8.89
CA LYS A 187 4.15 20.20 10.29
C LYS A 187 5.01 21.47 10.45
N LYS A 188 5.79 21.78 9.43
CA LYS A 188 6.44 23.08 9.42
C LYS A 188 5.39 24.21 9.31
N ILE A 189 4.33 23.93 8.57
CA ILE A 189 3.22 24.87 8.47
C ILE A 189 2.38 24.81 9.75
N ALA A 190 2.34 23.64 10.39
CA ALA A 190 1.52 23.45 11.58
C ALA A 190 2.23 23.93 12.84
N LEU A 191 3.55 23.76 12.88
CA LEU A 191 4.32 24.14 14.06
C LEU A 191 4.44 25.65 14.22
N ALA A 192 4.57 26.35 13.10
CA ALA A 192 4.83 27.78 13.13
C ALA A 192 3.53 28.59 13.27
N LEU A 193 2.40 27.89 13.30
CA LEU A 193 1.13 28.50 13.66
C LEU A 193 0.72 28.02 15.04
N ASP A 194 1.58 27.19 15.64
CA ASP A 194 1.35 26.61 16.96
C ASP A 194 0.05 25.83 17.02
N ILE A 195 -0.18 24.96 16.03
CA ILE A 195 -1.35 24.09 16.04
C ILE A 195 -0.88 22.63 16.02
N SER A 196 -0.26 22.21 17.11
CA SER A 196 0.52 20.97 17.13
C SER A 196 0.47 20.18 18.45
N ASP A 197 0.30 18.87 18.33
CA ASP A 197 0.35 17.92 19.47
C ASP A 197 0.02 16.49 19.03
N LYS A 198 0.79 15.54 19.56
CA LYS A 198 0.48 14.10 19.56
C LYS A 198 -0.21 13.50 18.33
N VAL A 199 -1.44 13.93 18.07
CA VAL A 199 -2.30 13.25 17.10
C VAL A 199 -2.15 13.77 15.67
N ILE A 200 -1.85 15.05 15.52
CA ILE A 200 -1.52 15.59 14.20
C ILE A 200 -0.12 15.11 13.84
N GLY A 201 0.78 15.15 14.83
CA GLY A 201 2.16 14.73 14.61
C GLY A 201 2.31 13.27 14.21
N PHE A 202 1.25 12.48 14.39
CA PHE A 202 1.29 11.06 14.04
C PHE A 202 0.31 10.68 12.95
N THR A 203 -0.99 10.85 13.19
CA THR A 203 -2.01 10.41 12.25
C THR A 203 -1.95 11.15 10.91
N LEU A 204 -1.10 12.18 10.82
CA LEU A 204 -0.82 12.82 9.56
C LEU A 204 0.24 12.01 8.80
N VAL A 205 1.20 11.46 9.54
CA VAL A 205 2.25 10.65 8.93
C VAL A 205 1.75 9.22 8.72
N ALA A 206 0.68 8.87 9.44
CA ALA A 206 0.00 7.60 9.20
C ALA A 206 -0.64 7.65 7.83
N PHE A 207 -1.08 8.85 7.45
CA PHE A 207 -1.62 9.11 6.12
C PHE A 207 -0.49 9.36 5.13
N GLY A 208 0.65 9.79 5.64
CA GLY A 208 1.79 10.11 4.80
C GLY A 208 2.39 8.88 4.15
N THR A 209 2.39 7.77 4.86
CA THR A 209 2.92 6.53 4.31
C THR A 209 1.98 5.95 3.25
N SER A 210 0.71 6.37 3.29
CA SER A 210 -0.30 5.86 2.37
C SER A 210 -0.42 6.72 1.12
N LEU A 211 0.20 7.90 1.14
CA LEU A 211 0.20 8.79 -0.03
C LEU A 211 0.80 8.17 -1.30
N PRO A 212 1.92 7.43 -1.18
CA PRO A 212 2.41 6.77 -2.39
C PRO A 212 1.37 5.85 -3.04
N GLU A 213 0.74 4.97 -2.27
CA GLU A 213 -0.29 4.09 -2.82
C GLU A 213 -1.43 4.86 -3.46
N LEU A 214 -1.92 5.87 -2.75
CA LEU A 214 -3.04 6.67 -3.22
C LEU A 214 -2.75 7.32 -4.57
N MET A 215 -1.68 8.10 -4.61
CA MET A 215 -1.33 8.84 -5.83
C MET A 215 -1.01 7.92 -7.00
N VAL A 216 -0.28 6.85 -6.73
CA VAL A 216 0.09 5.88 -7.76
C VAL A 216 -1.15 5.19 -8.33
N SER A 217 -2.07 4.80 -7.45
CA SER A 217 -3.29 4.12 -7.88
C SER A 217 -4.19 5.05 -8.69
N LEU A 218 -4.26 6.32 -8.27
CA LEU A 218 -5.04 7.31 -9.01
C LEU A 218 -4.53 7.44 -10.44
N ALA A 219 -3.21 7.34 -10.60
CA ALA A 219 -2.58 7.43 -11.91
C ALA A 219 -2.96 6.24 -12.80
N ALA A 220 -2.82 5.04 -12.25
CA ALA A 220 -3.11 3.82 -12.99
C ALA A 220 -4.60 3.71 -13.30
N ALA A 221 -5.43 4.16 -12.35
CA ALA A 221 -6.88 4.15 -12.54
C ALA A 221 -7.30 5.09 -13.66
N LYS A 222 -6.67 6.26 -13.71
CA LYS A 222 -6.98 7.25 -14.74
C LYS A 222 -6.52 6.80 -16.12
N ARG A 223 -5.59 5.85 -16.15
CA ARG A 223 -5.17 5.24 -17.41
C ARG A 223 -5.82 3.87 -17.60
N ASN A 224 -6.88 3.64 -16.81
CA ASN A 224 -7.68 2.42 -16.89
C ASN A 224 -6.87 1.14 -16.77
N LEU A 225 -5.72 1.22 -16.10
CA LEU A 225 -4.92 0.05 -15.80
C LEU A 225 -5.34 -0.53 -14.47
N GLY A 226 -6.61 -0.93 -14.38
CA GLY A 226 -7.22 -1.34 -13.13
C GLY A 226 -6.57 -2.53 -12.45
N GLY A 227 -6.05 -3.46 -13.25
CA GLY A 227 -5.38 -4.62 -12.71
C GLY A 227 -4.16 -4.24 -11.89
N MET A 228 -3.42 -3.25 -12.38
CA MET A 228 -2.25 -2.73 -11.68
C MET A 228 -2.64 -2.14 -10.33
N VAL A 229 -3.75 -1.41 -10.30
CA VAL A 229 -4.27 -0.84 -9.06
C VAL A 229 -4.61 -1.95 -8.07
N LEU A 230 -5.42 -2.90 -8.52
CA LEU A 230 -5.84 -4.03 -7.70
C LEU A 230 -4.63 -4.79 -7.15
N GLY A 231 -3.62 -4.95 -8.00
CA GLY A 231 -2.38 -5.60 -7.58
C GLY A 231 -1.63 -4.78 -6.55
N ASN A 232 -1.59 -3.46 -6.77
CA ASN A 232 -0.85 -2.57 -5.87
C ASN A 232 -1.52 -2.45 -4.51
N VAL A 233 -2.82 -2.72 -4.46
CA VAL A 233 -3.55 -2.70 -3.19
C VAL A 233 -3.29 -3.97 -2.40
N ILE A 234 -3.51 -5.11 -3.05
CA ILE A 234 -3.30 -6.41 -2.41
C ILE A 234 -1.85 -6.57 -1.95
N GLY A 235 -0.92 -6.27 -2.85
CA GLY A 235 0.50 -6.40 -2.55
C GLY A 235 0.96 -5.53 -1.41
N SER A 236 0.56 -4.27 -1.41
CA SER A 236 0.95 -3.32 -0.37
C SER A 236 0.48 -3.79 1.00
N ASN A 237 -0.76 -4.28 1.06
CA ASN A 237 -1.32 -4.81 2.30
C ASN A 237 -0.49 -5.95 2.87
N ILE A 238 -0.16 -6.91 2.00
CA ILE A 238 0.66 -8.04 2.40
C ILE A 238 2.07 -7.57 2.76
N ALA A 239 2.52 -6.53 2.06
CA ALA A 239 3.80 -5.91 2.37
C ALA A 239 3.75 -5.15 3.69
N ASP A 240 2.53 -4.81 4.12
CA ASP A 240 2.35 -4.12 5.39
C ASP A 240 2.29 -5.11 6.55
N ILE A 241 1.56 -6.21 6.35
CA ILE A 241 1.46 -7.25 7.37
C ILE A 241 2.72 -8.09 7.42
N GLY A 242 3.10 -8.65 6.27
CA GLY A 242 4.25 -9.53 6.20
C GLY A 242 5.58 -8.82 6.19
N GLY A 243 5.56 -7.52 5.89
CA GLY A 243 6.78 -6.75 5.84
C GLY A 243 6.92 -5.76 6.97
N ALA A 244 6.05 -4.75 6.98
CA ALA A 244 6.13 -3.68 7.98
C ALA A 244 5.86 -4.20 9.40
N LEU A 245 4.74 -4.90 9.57
CA LEU A 245 4.35 -5.42 10.88
C LEU A 245 5.40 -6.41 11.40
N ALA A 246 5.83 -7.31 10.53
CA ALA A 246 6.77 -8.37 10.90
C ALA A 246 8.08 -7.81 11.46
N VAL A 247 8.64 -6.84 10.76
CA VAL A 247 9.88 -6.20 11.20
C VAL A 247 9.68 -5.53 12.57
N GLY A 248 8.45 -5.07 12.81
CA GLY A 248 8.12 -4.47 14.09
C GLY A 248 8.12 -5.49 15.23
N SER A 249 7.74 -6.71 14.91
CA SER A 249 7.71 -7.79 15.90
C SER A 249 9.12 -8.21 16.33
N LEU A 250 10.08 -7.97 15.45
CA LEU A 250 11.46 -8.38 15.71
C LEU A 250 12.07 -7.60 16.88
N PHE A 251 11.78 -6.31 16.95
CA PHE A 251 12.33 -5.46 18.00
C PHE A 251 11.53 -5.54 19.28
N MET A 252 10.22 -5.75 19.15
CA MET A 252 9.33 -5.70 20.30
C MET A 252 7.98 -6.35 20.02
N HIS A 253 7.36 -6.88 21.06
CA HIS A 253 6.04 -7.48 20.96
C HIS A 253 5.00 -6.42 20.59
N LEU A 254 4.27 -6.65 19.51
CA LEU A 254 3.21 -5.74 19.09
C LEU A 254 1.90 -6.09 19.78
N PRO A 255 1.30 -5.11 20.46
CA PRO A 255 0.03 -5.33 21.18
C PRO A 255 -1.10 -5.65 20.23
N ALA A 256 -2.09 -6.41 20.70
CA ALA A 256 -3.21 -6.83 19.85
C ALA A 256 -4.10 -5.67 19.45
N GLU A 257 -4.47 -5.64 18.17
CA GLU A 257 -5.42 -4.66 17.65
C GLU A 257 -6.58 -5.40 16.99
N ASN A 258 -7.37 -6.09 17.81
CA ASN A 258 -8.43 -6.96 17.31
C ASN A 258 -9.58 -6.22 16.63
N VAL A 259 -9.79 -4.97 17.03
CA VAL A 259 -10.83 -4.16 16.39
C VAL A 259 -10.45 -3.84 14.95
N GLN A 260 -9.24 -3.32 14.77
CA GLN A 260 -8.75 -2.97 13.44
C GLN A 260 -8.55 -4.20 12.57
N MET A 261 -8.13 -5.30 13.18
CA MET A 261 -7.96 -6.55 12.44
C MET A 261 -9.30 -7.07 11.93
N ALA A 262 -10.30 -7.07 12.81
CA ALA A 262 -11.64 -7.51 12.44
C ALA A 262 -12.18 -6.67 11.29
N VAL A 263 -11.89 -5.37 11.33
CA VAL A 263 -12.28 -4.46 10.26
C VAL A 263 -11.58 -4.84 8.96
N LEU A 264 -10.27 -5.05 9.04
CA LEU A 264 -9.48 -5.42 7.88
C LEU A 264 -9.96 -6.73 7.27
N VAL A 265 -10.29 -7.69 8.12
CA VAL A 265 -10.78 -8.99 7.65
C VAL A 265 -12.10 -8.85 6.90
N ILE A 266 -13.01 -8.02 7.43
CA ILE A 266 -14.31 -7.81 6.81
C ILE A 266 -14.19 -7.21 5.41
N MET A 267 -13.40 -6.15 5.29
CA MET A 267 -13.19 -5.51 4.00
C MET A 267 -12.47 -6.44 3.04
N SER A 268 -11.47 -7.16 3.56
CA SER A 268 -10.75 -8.16 2.77
C SER A 268 -11.70 -9.26 2.32
N LEU A 269 -12.59 -9.66 3.21
CA LEU A 269 -13.64 -10.62 2.88
C LEU A 269 -14.54 -10.04 1.80
N LEU A 270 -14.94 -8.78 1.98
CA LEU A 270 -15.77 -8.08 1.02
C LEU A 270 -15.09 -7.95 -0.34
N LEU A 271 -13.80 -7.67 -0.32
CA LEU A 271 -13.03 -7.51 -1.56
C LEU A 271 -13.00 -8.80 -2.36
N TYR A 272 -12.95 -9.94 -1.67
CA TYR A 272 -12.92 -11.23 -2.34
C TYR A 272 -14.27 -11.58 -2.95
N LEU A 273 -15.33 -11.42 -2.17
CA LEU A 273 -16.68 -11.75 -2.62
C LEU A 273 -17.07 -10.94 -3.85
N PHE A 274 -16.73 -9.65 -3.83
CA PHE A 274 -16.98 -8.77 -4.97
C PHE A 274 -16.22 -9.21 -6.21
N ALA A 275 -15.00 -9.71 -6.01
CA ALA A 275 -14.14 -10.08 -7.11
C ALA A 275 -14.54 -11.41 -7.75
N LYS A 276 -15.18 -12.27 -6.98
CA LYS A 276 -15.52 -13.61 -7.45
C LYS A 276 -16.88 -13.69 -8.15
N TYR A 277 -17.90 -13.11 -7.53
CA TYR A 277 -19.27 -13.29 -8.00
C TYR A 277 -19.85 -12.04 -8.66
N SER A 278 -19.17 -10.92 -8.49
CA SER A 278 -19.67 -9.65 -9.01
C SER A 278 -18.59 -8.84 -9.72
N LYS A 279 -18.64 -7.53 -9.52
CA LYS A 279 -17.69 -6.61 -10.14
C LYS A 279 -17.01 -5.78 -9.05
N ILE A 280 -16.01 -5.01 -9.46
CA ILE A 280 -15.45 -3.99 -8.58
C ILE A 280 -15.57 -2.66 -9.31
N GLY A 281 -16.76 -2.06 -9.23
CA GLY A 281 -17.06 -0.85 -9.95
C GLY A 281 -17.48 0.30 -9.05
N ARG A 282 -18.45 1.08 -9.53
CA ARG A 282 -18.87 2.30 -8.85
C ARG A 282 -19.50 2.02 -7.48
N TRP A 283 -20.48 1.14 -7.44
CA TRP A 283 -21.26 0.93 -6.22
C TRP A 283 -20.54 0.08 -5.17
N GLN A 284 -19.47 -0.58 -5.58
CA GLN A 284 -18.61 -1.26 -4.62
C GLN A 284 -17.58 -0.29 -4.08
N GLY A 285 -17.01 0.52 -4.96
CA GLY A 285 -16.06 1.54 -4.57
C GLY A 285 -16.68 2.56 -3.63
N ILE A 286 -17.94 2.89 -3.91
CA ILE A 286 -18.72 3.76 -3.04
C ILE A 286 -18.85 3.15 -1.64
N LEU A 287 -19.14 1.86 -1.60
CA LEU A 287 -19.31 1.14 -0.35
C LEU A 287 -18.03 1.13 0.49
N PHE A 288 -16.89 0.95 -0.19
CA PHE A 288 -15.60 0.95 0.47
C PHE A 288 -15.33 2.30 1.15
N LEU A 289 -15.57 3.37 0.41
CA LEU A 289 -15.37 4.72 0.93
C LEU A 289 -16.25 4.98 2.15
N ALA A 290 -17.51 4.55 2.05
CA ALA A 290 -18.45 4.68 3.16
C ALA A 290 -17.91 3.99 4.41
N LEU A 291 -17.46 2.75 4.24
CA LEU A 291 -16.87 2.00 5.35
C LEU A 291 -15.61 2.67 5.85
N TYR A 292 -14.87 3.31 4.94
CA TYR A 292 -13.68 4.05 5.33
C TYR A 292 -14.06 5.29 6.13
N ILE A 293 -15.14 5.96 5.73
CA ILE A 293 -15.65 7.11 6.46
C ILE A 293 -16.05 6.70 7.87
N ILE A 294 -16.80 5.61 7.98
CA ILE A 294 -17.21 5.08 9.27
C ILE A 294 -15.98 4.70 10.10
N ALA A 295 -14.95 4.19 9.43
CA ALA A 295 -13.74 3.74 10.09
C ALA A 295 -12.99 4.89 10.76
N ILE A 296 -12.74 5.97 10.01
CA ILE A 296 -12.01 7.11 10.55
C ILE A 296 -12.86 7.94 11.51
N ALA A 297 -14.17 7.72 11.48
CA ALA A 297 -15.08 8.45 12.35
C ALA A 297 -15.22 7.80 13.72
N SER A 298 -15.13 6.47 13.76
CA SER A 298 -15.50 5.73 14.96
C SER A 298 -14.36 5.03 15.68
N LEU A 299 -13.32 4.62 14.95
CA LEU A 299 -12.27 3.82 15.56
C LEU A 299 -11.29 4.68 16.37
N ARG A 300 -10.80 4.10 17.45
CA ARG A 300 -10.17 4.84 18.54
C ARG A 300 -8.88 5.59 18.18
N MET A 301 -8.33 6.26 19.19
CA MET A 301 -7.13 7.10 19.12
C MET A 301 -6.19 6.81 17.94
SR SR B . 0.40 -13.84 18.95
SR SR C . 2.81 2.66 1.68
CL CL D . -5.17 -3.89 -16.45
C10 OLC E . -6.00 -21.49 10.42
C9 OLC E . -5.70 -22.29 11.69
C11 OLC E . -6.06 -19.96 10.61
C8 OLC E . -5.48 -21.45 12.94
C24 OLC E . 1.11 -17.86 17.78
C12 OLC E . -7.45 -19.42 10.26
C7 OLC E . -4.17 -21.85 13.62
C15 OLC E . -10.94 -20.13 11.72
C13 OLC E . -8.50 -20.05 11.17
C6 OLC E . -3.99 -20.98 14.88
C14 OLC E . -9.88 -19.50 10.81
C5 OLC E . -2.67 -21.34 15.55
C4 OLC E . -2.47 -20.47 16.80
C3 OLC E . -3.58 -20.69 17.83
C2 OLC E . -3.40 -19.81 19.09
C21 OLC E . -1.30 -17.77 18.22
C1 OLC E . -3.47 -18.28 18.84
C22 OLC E . 0.07 -17.60 18.86
O19 OLC E . -4.51 -17.78 18.40
O25 OLC E . 0.96 -19.17 17.22
O23 OLC E . 0.20 -16.26 19.35
O20 OLC E . -2.37 -17.53 19.13
C10 OLC F . -2.74 -25.86 20.23
C9 OLC F . -2.73 -25.42 21.70
C11 OLC F . -1.73 -25.17 19.31
C8 OLC F . -1.71 -24.34 22.11
C24 OLC F . -5.74 -18.55 21.88
C12 OLC F . -2.06 -25.52 17.86
C7 OLC F . -1.89 -24.09 23.60
C13 OLC F . -3.47 -25.04 17.53
C6 OLC F . -0.91 -23.05 24.16
C5 OLC F . -1.20 -22.92 25.66
C4 OLC F . -0.25 -21.96 26.38
C3 OLC F . -0.21 -20.46 25.98
C2 OLC F . -1.48 -19.61 26.20
C21 OLC F . -4.18 -19.43 23.63
C1 OLC F . -2.74 -19.98 25.39
C22 OLC F . -4.50 -18.25 22.70
O19 OLC F . -3.48 -20.90 25.72
O25 OLC F . -6.02 -17.43 21.02
O23 OLC F . -4.73 -17.09 23.51
O20 OLC F . -3.00 -19.12 24.37
C18 OLC G . -8.08 -33.64 20.59
C10 OLC G . -8.78 -26.01 21.23
C9 OLC G . -8.26 -24.75 20.50
C17 OLC G . -8.93 -32.38 20.79
C11 OLC G . -8.01 -26.73 22.35
C8 OLC G . -6.92 -24.04 20.80
C24 OLC G . -6.75 -27.26 28.99
C16 OLC G . -8.03 -31.16 21.00
C12 OLC G . -7.49 -28.08 21.83
C7 OLC G . -6.71 -23.78 22.30
C15 OLC G . -7.16 -31.35 22.26
C13 OLC G . -6.74 -28.80 22.97
C6 OLC G . -5.39 -23.06 22.56
C14 OLC G . -6.16 -30.21 22.66
C5 OLC G . -5.25 -22.90 24.07
C4 OLC G . -6.47 -22.15 24.62
C3 OLC G . -6.52 -21.87 26.13
C2 OLC G . -6.48 -23.08 27.12
C21 OLC G . -6.06 -26.12 26.84
C1 OLC G . -5.17 -23.91 27.13
C22 OLC G . -7.25 -26.62 27.68
O19 OLC G . -4.09 -23.39 26.83
O25 OLC G . -5.90 -28.38 28.70
O23 OLC G . -8.14 -25.54 27.96
O20 OLC G . -5.26 -25.19 27.59
C10 OLC H . 14.55 -12.45 13.93
C9 OLC H . 14.17 -12.29 15.42
C11 OLC H . 15.48 -11.35 13.44
C8 OLC H . 14.83 -11.08 16.08
C24 OLC H . 8.83 -16.82 22.22
C12 OLC H . 16.14 -11.61 12.07
C7 OLC H . 15.35 -11.33 17.50
C15 OLC H . 14.95 -12.06 8.45
C13 OLC H . 15.13 -11.72 10.95
C6 OLC H . 14.24 -11.74 18.46
C14 OLC H . 15.90 -11.96 9.64
C5 OLC H . 14.85 -11.92 19.85
C4 OLC H . 13.79 -12.32 20.89
C3 OLC H . 14.46 -12.48 22.26
C2 OLC H . 13.45 -12.86 23.36
C21 OLC H . 10.87 -15.50 22.88
C1 OLC H . 12.77 -14.22 23.11
C22 OLC H . 9.42 -15.41 22.37
O19 OLC H . 13.44 -15.25 23.00
O25 OLC H . 7.47 -16.72 21.75
O23 OLC H . 8.62 -14.62 23.26
O20 OLC H . 11.41 -14.18 23.02
C2 MYS I . -9.07 20.06 9.07
C3 MYS I . -7.56 19.88 9.18
C4 MYS I . -6.85 21.05 8.51
C5 MYS I . -7.24 21.11 7.03
C6 MYS I . -6.52 22.28 6.35
C7 MYS I . -6.91 22.36 4.87
C8 MYS I . -6.50 21.07 4.15
C9 MYS I . -4.99 20.87 4.23
C10 MYS I . -4.60 19.58 3.49
C2 MYS J . 15.43 -12.56 -11.97
C3 MYS J . 14.06 -12.15 -12.54
C4 MYS J . 13.06 -13.31 -12.44
C5 MYS J . 12.94 -13.65 -10.96
C6 MYS J . 11.96 -14.78 -10.71
C7 MYS J . 11.89 -15.04 -9.19
C8 MYS J . 10.87 -16.15 -8.89
C9 MYS J . 11.23 -17.42 -9.68
C10 MYS J . 12.64 -17.94 -9.37
C11 MYS J . 12.90 -19.16 -10.25
C12 MYS J . 12.78 -18.77 -11.73
C13 MYS J . 13.81 -17.69 -12.04
C2 MYS K . -11.14 -10.85 17.12
C3 MYS K . -10.52 -9.97 16.03
C4 MYS K . -9.85 -10.84 14.98
C5 MYS K . -10.88 -11.78 14.36
C6 MYS K . -10.21 -12.67 13.30
C7 MYS K . -11.26 -13.60 12.69
C8 MYS K . -10.58 -14.48 11.63
OH2 1PE L . -7.79 14.44 -10.78
C12 1PE L . -7.72 13.37 -9.83
C22 1PE L . -6.32 13.34 -9.21
OH3 1PE L . -5.33 13.15 -10.24
C13 1PE L . -3.49 11.79 -9.42
C23 1PE L . -4.04 13.20 -9.66
OH4 1PE L . -3.40 11.08 -10.66
C14 1PE L . -1.52 11.89 -12.02
C24 1PE L . -2.02 10.88 -10.99
OH5 1PE L . -2.28 11.80 -13.23
C15 1PE L . -2.48 12.76 -15.46
C25 1PE L . -1.58 12.52 -14.24
OH6 1PE L . -3.62 13.52 -15.05
C16 1PE L . -5.73 13.90 -16.19
C26 1PE L . -4.21 14.13 -16.21
OH7 1PE L . -6.29 14.46 -15.01
#